data_4CBP
#
_entry.id   4CBP
#
_cell.length_a   49.856
_cell.length_b   99.732
_cell.length_c   56.280
_cell.angle_alpha   90.00
_cell.angle_beta   91.99
_cell.angle_gamma   90.00
#
_symmetry.space_group_name_H-M   'P 1 21 1'
#
loop_
_entity.id
_entity.type
_entity.pdbx_description
1 polymer 'NEURAL/ECTODERMAL DEVELOPMENT FACTOR IMP-L2'
2 non-polymer GLYCEROL
3 water water
#
_entity_poly.entity_id   1
_entity_poly.type   'polypeptide(L)'
_entity_poly.pdbx_seq_one_letter_code
;(MSE)NLHVCALALLLFGSIATVRGRAVDLVDDSNDVDNSIEAEEEKPRNRAFEADWLKFTKTPPTKLQQADGATIEIVC
E(MSE)(MSE)GSQVPSIQWVVGHLPRSELDDLDSNQVAEEAPSAIVRVRSSHIIDHVLSEARTYTCVGRTGSKTIYAST
VVHPPRSSRLTPEKTYPGAQKPRIIYTEKTHLDL(MSE)GSNIQLPCRVHARPRAEITWLNNENKEIVQGHRHRVLANGD
LLISEIKWED(MSE)GNYKCIARNVVGKDTADTFVYPVLNEEDEVLFQ
;
_entity_poly.pdbx_strand_id   A,B
#
# COMPACT_ATOMS: atom_id res chain seq x y z
N PRO A 44 -7.85 12.29 -25.87
CA PRO A 44 -8.84 11.30 -26.32
C PRO A 44 -9.48 10.61 -25.12
N ARG A 45 -9.58 11.41 -24.08
CA ARG A 45 -10.01 11.08 -22.72
C ARG A 45 -10.14 9.64 -22.20
N ASN A 46 -9.74 8.61 -22.93
CA ASN A 46 -9.17 7.49 -22.20
C ASN A 46 -7.77 8.01 -21.95
N ARG A 47 -7.31 7.88 -20.72
CA ARG A 47 -6.06 8.50 -20.32
C ARG A 47 -4.87 7.93 -21.09
N ALA A 48 -5.06 6.74 -21.65
CA ALA A 48 -4.01 6.05 -22.38
C ALA A 48 -3.51 6.83 -23.61
N PHE A 49 -4.30 7.78 -24.09
CA PHE A 49 -3.92 8.51 -25.29
C PHE A 49 -3.32 9.90 -25.03
N GLU A 50 -2.98 10.20 -23.77
CA GLU A 50 -2.53 11.54 -23.39
C GLU A 50 -1.03 11.71 -23.08
N ALA A 51 -0.16 10.86 -23.62
CA ALA A 51 1.28 11.05 -23.38
C ALA A 51 1.74 12.36 -24.03
N ASP A 52 2.65 13.10 -23.41
CA ASP A 52 3.29 12.75 -22.13
C ASP A 52 2.60 13.46 -20.97
N TRP A 53 2.31 12.74 -19.90
CA TRP A 53 1.79 13.37 -18.70
C TRP A 53 2.38 12.70 -17.46
N LEU A 54 2.46 13.46 -16.37
CA LEU A 54 3.11 12.96 -15.15
C LEU A 54 2.64 13.77 -13.95
N LYS A 55 2.22 13.08 -12.90
CA LYS A 55 1.65 13.73 -11.72
C LYS A 55 2.16 13.07 -10.45
N PHE A 56 2.54 13.87 -9.44
CA PHE A 56 2.84 13.29 -8.12
C PHE A 56 1.58 12.69 -7.51
N THR A 57 1.71 11.48 -6.95
CA THR A 57 0.64 10.87 -6.18
C THR A 57 1.04 10.78 -4.70
N LYS A 58 2.34 10.77 -4.44
CA LYS A 58 2.85 11.04 -3.08
C LYS A 58 4.00 12.02 -3.19
N THR A 59 3.74 13.26 -2.81
N THR A 59 3.75 13.25 -2.76
CA THR A 59 4.80 14.26 -2.78
CA THR A 59 4.77 14.29 -2.77
C THR A 59 5.61 14.05 -1.52
C THR A 59 5.60 14.18 -1.50
N PRO A 60 6.94 14.15 -1.63
CA PRO A 60 7.77 14.07 -0.44
C PRO A 60 7.49 15.24 0.51
N PRO A 61 7.67 15.01 1.83
CA PRO A 61 7.42 16.06 2.81
C PRO A 61 8.32 17.28 2.59
N THR A 62 7.84 18.48 2.88
CA THR A 62 8.65 19.66 2.62
C THR A 62 9.80 19.74 3.63
N LYS A 63 9.57 19.20 4.81
CA LYS A 63 10.55 19.26 5.89
C LYS A 63 10.41 18.07 6.81
N LEU A 64 11.56 17.51 7.22
CA LEU A 64 11.59 16.43 8.19
C LEU A 64 12.59 16.76 9.27
N GLN A 65 12.29 16.37 10.49
CA GLN A 65 13.19 16.52 11.62
C GLN A 65 13.73 15.16 12.00
N GLN A 66 15.05 14.97 11.89
CA GLN A 66 15.64 13.69 12.22
C GLN A 66 15.86 13.55 13.72
N ALA A 67 15.29 12.52 14.31
CA ALA A 67 15.59 12.19 15.71
C ALA A 67 16.94 11.51 15.74
N ASP A 68 17.65 11.64 16.85
CA ASP A 68 18.97 11.03 16.96
C ASP A 68 18.85 9.51 16.77
N GLY A 69 19.71 8.97 15.91
CA GLY A 69 19.69 7.54 15.62
C GLY A 69 18.60 7.05 14.68
N ALA A 70 17.72 7.94 14.25
CA ALA A 70 16.60 7.54 13.39
C ALA A 70 17.05 7.33 11.95
N THR A 71 16.47 6.33 11.30
CA THR A 71 16.63 6.14 9.86
C THR A 71 15.48 6.86 9.19
N ILE A 72 15.80 7.74 8.25
CA ILE A 72 14.79 8.50 7.54
C ILE A 72 14.50 7.82 6.20
N GLU A 73 13.23 7.61 5.92
CA GLU A 73 12.82 7.13 4.60
C GLU A 73 11.97 8.19 3.92
N ILE A 74 12.47 8.77 2.84
CA ILE A 74 11.73 9.80 2.12
C ILE A 74 11.06 9.13 0.94
N VAL A 75 9.74 9.24 0.87
CA VAL A 75 8.97 8.53 -0.16
C VAL A 75 8.42 9.48 -1.20
N CYS A 76 8.62 9.10 -2.45
N CYS A 76 8.62 9.17 -2.47
CA CYS A 76 8.09 9.82 -3.61
CA CYS A 76 7.88 9.92 -3.49
C CYS A 76 7.25 8.84 -4.43
C CYS A 76 7.30 8.96 -4.50
N GLU A 77 6.09 9.28 -4.94
CA GLU A 77 5.33 8.41 -5.83
C GLU A 77 4.71 9.28 -6.90
N GLY A 80 2.16 8.32 -14.44
CA GLY A 80 2.20 8.99 -15.72
C GLY A 80 2.22 8.04 -16.90
N SER A 81 2.28 8.61 -18.10
CA SER A 81 2.33 7.78 -19.31
C SER A 81 3.64 7.01 -19.44
N GLN A 82 3.59 5.91 -20.18
CA GLN A 82 4.72 5.00 -20.36
C GLN A 82 5.24 4.54 -18.99
N VAL A 83 6.55 4.45 -18.82
CA VAL A 83 7.12 4.06 -17.52
C VAL A 83 7.96 5.19 -16.96
N PRO A 84 7.37 6.01 -16.08
CA PRO A 84 8.13 7.14 -15.52
C PRO A 84 9.31 6.63 -14.71
N SER A 85 10.40 7.39 -14.71
CA SER A 85 11.55 7.07 -13.88
C SER A 85 11.67 8.07 -12.75
N ILE A 86 12.18 7.61 -11.61
CA ILE A 86 12.44 8.49 -10.48
C ILE A 86 13.92 8.47 -10.08
N GLN A 87 14.48 9.65 -9.96
N GLN A 87 14.48 9.66 -9.91
CA GLN A 87 15.86 9.82 -9.50
CA GLN A 87 15.88 9.81 -9.52
C GLN A 87 15.86 10.69 -8.24
C GLN A 87 16.00 10.77 -8.33
N TRP A 88 16.72 10.35 -7.29
CA TRP A 88 16.92 11.20 -6.13
C TRP A 88 18.23 11.96 -6.27
N VAL A 89 18.18 13.26 -6.04
CA VAL A 89 19.36 14.11 -6.10
C VAL A 89 19.60 14.73 -4.73
N VAL A 90 20.81 14.52 -4.21
CA VAL A 90 21.16 15.04 -2.89
C VAL A 90 21.93 16.35 -3.03
N GLY A 91 21.50 17.37 -2.29
CA GLY A 91 22.27 18.59 -2.17
C GLY A 91 22.34 19.47 -3.41
N HIS A 92 21.37 19.31 -4.31
CA HIS A 92 21.28 20.16 -5.48
C HIS A 92 19.83 20.56 -5.72
N LEU A 93 19.52 21.81 -5.44
CA LEU A 93 18.15 22.28 -5.60
C LEU A 93 17.82 22.60 -7.04
N PRO A 94 16.55 22.39 -7.42
CA PRO A 94 16.09 22.78 -8.75
C PRO A 94 16.34 24.26 -9.02
N ARG A 95 16.65 24.56 -10.28
CA ARG A 95 16.73 25.93 -10.76
C ARG A 95 16.11 25.94 -12.13
N SER A 96 15.30 26.95 -12.42
CA SER A 96 14.59 26.99 -13.70
C SER A 96 14.71 28.34 -14.36
N ALA A 107 5.65 12.08 -30.92
CA ALA A 107 4.66 11.31 -30.17
C ALA A 107 3.91 10.35 -31.09
N GLU A 108 3.90 9.07 -30.71
CA GLU A 108 3.20 8.06 -31.49
C GLU A 108 1.70 8.29 -31.46
N GLU A 109 1.04 8.00 -32.58
CA GLU A 109 -0.41 8.02 -32.64
C GLU A 109 -0.92 6.68 -32.11
N ALA A 110 -0.78 6.49 -30.81
CA ALA A 110 -1.00 5.19 -30.21
C ALA A 110 -1.22 5.36 -28.73
N PRO A 111 -1.92 4.40 -28.10
CA PRO A 111 -2.04 4.42 -26.64
C PRO A 111 -0.71 4.11 -25.98
N SER A 112 -0.58 4.51 -24.72
CA SER A 112 0.61 4.18 -23.95
C SER A 112 0.22 3.44 -22.70
N ALA A 113 1.22 2.83 -22.07
CA ALA A 113 1.06 2.31 -20.72
C ALA A 113 0.81 3.47 -19.77
N ILE A 114 0.29 3.15 -18.59
CA ILE A 114 0.17 4.13 -17.52
C ILE A 114 0.73 3.45 -16.28
N VAL A 115 1.74 4.06 -15.65
CA VAL A 115 2.42 3.40 -14.54
C VAL A 115 2.52 4.32 -13.32
N ARG A 116 2.18 3.77 -12.17
CA ARG A 116 2.34 4.43 -10.89
C ARG A 116 3.56 3.82 -10.20
N VAL A 117 4.57 4.64 -9.94
CA VAL A 117 5.86 4.16 -9.47
C VAL A 117 6.26 4.91 -8.19
N ARG A 118 6.83 4.16 -7.26
N ARG A 118 6.83 4.17 -7.25
N ARG A 118 6.88 4.17 -7.27
CA ARG A 118 7.24 4.66 -5.95
CA ARG A 118 7.23 4.72 -5.97
CA ARG A 118 7.22 4.68 -5.95
C ARG A 118 8.74 4.48 -5.77
C ARG A 118 8.71 4.48 -5.73
C ARG A 118 8.71 4.46 -5.67
N SER A 119 9.40 5.49 -5.22
CA SER A 119 10.82 5.36 -4.89
C SER A 119 11.10 5.96 -3.52
N SER A 120 11.90 5.25 -2.72
CA SER A 120 12.29 5.74 -1.40
C SER A 120 13.76 6.07 -1.34
N HIS A 121 14.10 7.16 -0.65
CA HIS A 121 15.49 7.48 -0.38
C HIS A 121 15.74 7.22 1.11
N ILE A 122 16.73 6.39 1.42
CA ILE A 122 17.03 6.01 2.81
C ILE A 122 18.24 6.75 3.37
N ILE A 123 18.04 7.43 4.50
CA ILE A 123 19.14 8.10 5.21
C ILE A 123 19.38 7.32 6.48
N ASP A 124 20.43 6.50 6.50
CA ASP A 124 20.70 5.64 7.65
C ASP A 124 21.99 6.08 8.34
N HIS A 125 22.06 7.38 8.57
CA HIS A 125 23.13 8.00 9.36
C HIS A 125 22.57 9.30 9.93
N VAL A 126 23.20 9.81 10.98
CA VAL A 126 22.83 11.11 11.51
C VAL A 126 23.41 12.20 10.60
N LEU A 127 22.57 13.15 10.19
CA LEU A 127 23.05 14.27 9.38
C LEU A 127 23.97 15.19 10.18
N SER A 128 25.01 15.71 9.54
CA SER A 128 25.90 16.68 10.18
C SER A 128 25.40 18.11 10.00
N GLU A 129 24.53 18.29 9.01
CA GLU A 129 23.93 19.58 8.72
C GLU A 129 22.63 19.32 7.98
N ALA A 130 21.78 20.34 7.87
CA ALA A 130 20.56 20.18 7.08
C ALA A 130 20.94 19.91 5.61
N ARG A 131 20.23 18.99 4.97
CA ARG A 131 20.51 18.67 3.58
C ARG A 131 19.21 18.60 2.81
N THR A 132 19.27 18.88 1.51
N THR A 132 19.29 18.87 1.51
CA THR A 132 18.07 18.78 0.70
CA THR A 132 18.12 18.81 0.64
C THR A 132 18.12 17.54 -0.18
C THR A 132 18.12 17.54 -0.21
N TYR A 133 16.94 16.97 -0.42
CA TYR A 133 16.78 15.76 -1.20
C TYR A 133 15.68 16.03 -2.19
N THR A 134 15.98 15.86 -3.48
CA THR A 134 15.01 16.18 -4.51
C THR A 134 14.65 14.94 -5.31
N CYS A 135 13.35 14.68 -5.41
N CYS A 135 13.36 14.69 -5.45
N CYS A 135 13.37 14.63 -5.41
CA CYS A 135 12.80 13.61 -6.22
CA CYS A 135 12.83 13.57 -6.23
CA CYS A 135 13.00 13.51 -6.25
C CYS A 135 12.58 14.17 -7.62
C CYS A 135 12.43 14.01 -7.64
C CYS A 135 12.57 14.09 -7.60
N VAL A 136 13.18 13.55 -8.64
CA VAL A 136 12.99 14.02 -10.01
C VAL A 136 12.33 12.92 -10.82
N GLY A 137 11.17 13.24 -11.39
CA GLY A 137 10.43 12.27 -12.16
C GLY A 137 10.47 12.66 -13.63
N ARG A 138 10.62 11.66 -14.49
CA ARG A 138 10.67 11.92 -15.94
C ARG A 138 9.87 10.88 -16.73
N THR A 139 9.13 11.35 -17.72
CA THR A 139 8.61 10.44 -18.74
C THR A 139 8.48 11.23 -20.03
N GLY A 140 8.99 10.67 -21.11
CA GLY A 140 9.07 11.40 -22.36
C GLY A 140 9.72 12.75 -22.14
N SER A 141 9.02 13.81 -22.54
CA SER A 141 9.55 15.17 -22.44
C SER A 141 9.12 15.89 -21.16
N LYS A 142 8.46 15.16 -20.26
CA LYS A 142 7.93 15.75 -19.04
C LYS A 142 8.86 15.50 -17.86
N THR A 143 9.08 16.54 -17.06
CA THR A 143 9.85 16.41 -15.82
C THR A 143 9.10 17.08 -14.67
N ILE A 144 9.01 16.39 -13.54
CA ILE A 144 8.47 16.98 -12.33
C ILE A 144 9.50 16.82 -11.20
N TYR A 145 9.45 17.73 -10.21
CA TYR A 145 10.41 17.76 -9.11
C TYR A 145 9.71 18.05 -7.79
N ALA A 146 10.24 17.50 -6.70
CA ALA A 146 9.83 17.93 -5.37
C ALA A 146 10.98 17.73 -4.41
N SER A 147 11.13 18.62 -3.43
CA SER A 147 12.27 18.57 -2.52
C SER A 147 11.88 18.48 -1.06
N THR A 148 12.75 17.84 -0.29
CA THR A 148 12.63 17.71 1.14
C THR A 148 13.87 18.26 1.81
N VAL A 149 13.69 19.10 2.84
CA VAL A 149 14.83 19.46 3.68
C VAL A 149 14.79 18.63 4.95
N VAL A 150 15.86 17.89 5.20
CA VAL A 150 15.96 17.10 6.43
C VAL A 150 16.93 17.79 7.37
N HIS A 151 16.45 18.05 8.59
CA HIS A 151 17.25 18.72 9.61
C HIS A 151 17.85 17.70 10.57
N PRO A 152 19.10 17.93 10.97
CA PRO A 152 19.77 17.05 11.93
C PRO A 152 19.19 17.21 13.33
N PRO A 153 19.39 16.20 14.19
CA PRO A 153 18.97 16.38 15.58
C PRO A 153 19.77 17.49 16.23
N ARG A 154 19.22 18.17 17.22
CA ARG A 154 19.87 19.30 17.86
C ARG A 154 21.13 18.85 18.61
N SER A 155 21.08 17.63 19.13
CA SER A 155 22.23 17.01 19.74
C SER A 155 22.22 15.53 19.39
N SER A 156 23.37 14.89 19.50
CA SER A 156 23.48 13.49 19.10
C SER A 156 24.53 12.75 19.90
N ARG A 157 24.23 11.51 20.25
CA ARG A 157 25.18 10.67 20.97
C ARG A 157 25.96 9.79 20.00
N LEU A 158 25.78 10.05 18.70
CA LEU A 158 26.42 9.24 17.66
C LEU A 158 27.37 10.07 16.80
N THR A 159 28.20 9.39 16.02
CA THR A 159 29.05 10.05 15.02
C THR A 159 28.23 10.46 13.80
N PRO A 160 28.25 11.76 13.45
CA PRO A 160 27.47 12.21 12.29
C PRO A 160 27.98 11.66 10.97
N GLU A 161 27.05 11.43 10.04
CA GLU A 161 27.36 10.99 8.69
C GLU A 161 28.03 9.61 8.67
N LYS A 162 27.86 8.86 9.75
CA LYS A 162 28.37 7.50 9.83
C LYS A 162 27.22 6.52 9.77
N THR A 163 27.24 5.64 8.78
CA THR A 163 26.16 4.67 8.60
C THR A 163 25.94 3.82 9.85
N TYR A 164 24.69 3.71 10.29
CA TYR A 164 24.36 2.89 11.46
C TYR A 164 24.91 1.48 11.27
N PRO A 165 25.53 0.93 12.32
CA PRO A 165 26.41 -0.24 12.17
C PRO A 165 25.73 -1.58 11.78
N GLY A 166 24.74 -2.03 12.54
CA GLY A 166 24.31 -3.42 12.45
C GLY A 166 23.57 -3.87 11.20
N ALA A 167 22.91 -5.02 11.30
CA ALA A 167 22.07 -5.51 10.22
C ALA A 167 20.85 -4.61 10.06
N GLN A 168 20.34 -4.54 8.84
CA GLN A 168 19.17 -3.72 8.55
C GLN A 168 18.08 -4.54 7.85
N LYS A 169 16.87 -4.47 8.40
CA LYS A 169 15.68 -5.12 7.83
C LYS A 169 15.47 -4.64 6.40
N PRO A 170 15.01 -5.53 5.51
CA PRO A 170 14.82 -5.07 4.13
C PRO A 170 13.76 -3.99 3.99
N ARG A 171 14.03 -3.04 3.10
CA ARG A 171 13.05 -2.06 2.67
C ARG A 171 13.00 -2.09 1.16
N ILE A 172 11.80 -2.27 0.60
CA ILE A 172 11.66 -2.16 -0.84
C ILE A 172 11.59 -0.68 -1.18
N ILE A 173 12.56 -0.20 -1.96
CA ILE A 173 12.73 1.23 -2.19
C ILE A 173 12.46 1.67 -3.63
N TYR A 174 12.14 0.73 -4.51
CA TYR A 174 11.71 1.10 -5.87
C TYR A 174 10.75 0.02 -6.34
N THR A 175 9.52 0.44 -6.63
CA THR A 175 8.47 -0.51 -6.93
C THR A 175 7.40 0.16 -7.77
N GLU A 176 6.72 -0.62 -8.60
CA GLU A 176 5.54 -0.11 -9.29
C GLU A 176 4.31 -0.54 -8.53
N LYS A 177 3.47 0.43 -8.16
CA LYS A 177 2.20 0.15 -7.51
C LYS A 177 1.17 -0.34 -8.52
N THR A 178 1.17 0.30 -9.68
CA THR A 178 0.15 0.07 -10.72
C THR A 178 0.83 0.04 -12.06
N HIS A 179 0.56 -1.00 -12.84
CA HIS A 179 1.12 -1.08 -14.17
C HIS A 179 0.02 -1.41 -15.18
N LEU A 180 -0.50 -0.38 -15.84
CA LEU A 180 -1.55 -0.57 -16.83
C LEU A 180 -0.90 -0.60 -18.21
N ASP A 181 -1.11 -1.66 -18.98
CA ASP A 181 -0.37 -1.77 -20.24
C ASP A 181 -1.20 -2.42 -21.35
N LEU A 182 -0.56 -2.57 -22.50
CA LEU A 182 -1.16 -3.14 -23.70
C LEU A 182 -0.88 -4.62 -23.78
N GLY A 184 0.31 -8.10 -25.10
CA GLY A 184 1.41 -8.46 -25.97
C GLY A 184 2.72 -7.76 -25.61
N SER A 185 2.64 -6.79 -24.70
N SER A 185 2.64 -6.79 -24.70
CA SER A 185 3.83 -6.05 -24.31
CA SER A 185 3.81 -6.06 -24.26
C SER A 185 4.70 -6.87 -23.37
C SER A 185 4.71 -6.93 -23.41
N ASN A 186 5.99 -6.57 -23.35
CA ASN A 186 6.90 -7.15 -22.38
C ASN A 186 7.04 -6.16 -21.24
N ILE A 187 6.83 -6.60 -20.01
CA ILE A 187 6.91 -5.66 -18.90
C ILE A 187 7.97 -6.09 -17.90
N GLN A 188 8.54 -5.12 -17.19
CA GLN A 188 9.57 -5.40 -16.20
C GLN A 188 9.21 -4.69 -14.90
N LEU A 189 8.80 -5.46 -13.91
CA LEU A 189 8.34 -4.90 -12.64
C LEU A 189 9.51 -4.81 -11.67
N PRO A 190 9.83 -3.60 -11.19
CA PRO A 190 10.99 -3.46 -10.30
C PRO A 190 10.74 -3.94 -8.89
N CYS A 191 11.81 -4.38 -8.24
CA CYS A 191 11.80 -4.59 -6.80
C CYS A 191 13.20 -4.31 -6.29
N ARG A 192 13.54 -3.03 -6.13
CA ARG A 192 14.86 -2.67 -5.60
C ARG A 192 14.81 -2.60 -4.08
N VAL A 193 15.85 -3.11 -3.42
CA VAL A 193 15.83 -3.30 -1.98
C VAL A 193 17.03 -2.69 -1.28
N HIS A 194 16.76 -2.06 -0.14
CA HIS A 194 17.78 -1.64 0.82
C HIS A 194 17.81 -2.66 1.97
N ALA A 195 18.94 -3.35 2.14
CA ALA A 195 19.02 -4.40 3.17
C ALA A 195 20.45 -4.79 3.46
N ARG A 196 20.70 -5.11 4.73
CA ARG A 196 22.00 -5.60 5.17
C ARG A 196 21.77 -6.72 6.19
N PRO A 197 22.18 -7.97 5.86
CA PRO A 197 22.78 -8.44 4.60
C PRO A 197 21.83 -8.36 3.41
N ARG A 198 22.35 -8.61 2.21
CA ARG A 198 21.57 -8.58 0.98
C ARG A 198 20.34 -9.47 1.10
N ALA A 199 19.20 -8.97 0.66
CA ALA A 199 17.95 -9.71 0.78
C ALA A 199 17.81 -10.77 -0.30
N GLU A 200 17.08 -11.83 0.04
CA GLU A 200 16.63 -12.81 -0.94
C GLU A 200 15.28 -12.36 -1.48
N ILE A 201 15.13 -12.37 -2.80
CA ILE A 201 13.91 -11.89 -3.45
C ILE A 201 13.09 -13.05 -4.00
N THR A 202 11.80 -13.05 -3.67
CA THR A 202 10.85 -14.01 -4.19
C THR A 202 9.65 -13.25 -4.75
N TRP A 203 9.15 -13.67 -5.90
CA TRP A 203 7.92 -13.10 -6.46
C TRP A 203 6.77 -14.08 -6.38
N LEU A 204 5.58 -13.58 -6.06
CA LEU A 204 4.35 -14.36 -6.21
C LEU A 204 3.58 -13.85 -7.41
N ASN A 205 2.93 -14.76 -8.14
CA ASN A 205 2.16 -14.35 -9.30
C ASN A 205 0.72 -14.01 -8.95
N ASN A 206 -0.12 -13.86 -9.98
CA ASN A 206 -1.50 -13.43 -9.78
C ASN A 206 -2.41 -14.53 -9.27
N GLU A 207 -1.81 -15.67 -8.91
CA GLU A 207 -2.51 -16.74 -8.21
C GLU A 207 -1.83 -17.03 -6.86
N ASN A 208 -0.99 -16.08 -6.42
N ASN A 208 -1.02 -16.06 -6.42
CA ASN A 208 -0.25 -16.21 -5.17
CA ASN A 208 -0.23 -16.18 -5.20
C ASN A 208 0.75 -17.36 -5.13
C ASN A 208 0.60 -17.46 -5.14
N LYS A 209 1.13 -17.86 -6.30
CA LYS A 209 2.07 -18.96 -6.36
C LYS A 209 3.46 -18.39 -6.56
N GLU A 210 4.46 -18.98 -5.93
CA GLU A 210 5.83 -18.55 -6.13
C GLU A 210 6.20 -18.70 -7.60
N ILE A 211 6.81 -17.66 -8.15
CA ILE A 211 7.30 -17.68 -9.53
C ILE A 211 8.67 -18.36 -9.61
N VAL A 212 8.79 -19.32 -10.52
CA VAL A 212 10.10 -19.91 -10.81
C VAL A 212 10.52 -19.47 -12.21
N GLN A 213 11.83 -19.51 -12.48
CA GLN A 213 12.35 -19.09 -13.78
C GLN A 213 11.72 -19.94 -14.87
N GLY A 214 11.23 -19.30 -15.92
CA GLY A 214 10.55 -20.01 -16.99
C GLY A 214 10.65 -19.30 -18.33
N HIS A 215 9.85 -19.76 -19.29
CA HIS A 215 9.88 -19.24 -20.65
C HIS A 215 9.41 -17.78 -20.76
N ARG A 216 8.37 -17.43 -20.01
CA ARG A 216 7.78 -16.09 -20.09
C ARG A 216 8.00 -15.27 -18.83
N HIS A 217 8.54 -15.89 -17.79
CA HIS A 217 8.79 -15.21 -16.53
C HIS A 217 10.24 -15.35 -16.12
N ARG A 218 10.90 -14.22 -15.90
CA ARG A 218 12.29 -14.25 -15.48
C ARG A 218 12.50 -13.30 -14.32
N VAL A 219 13.12 -13.81 -13.26
CA VAL A 219 13.47 -12.94 -12.14
C VAL A 219 14.93 -12.54 -12.31
N LEU A 220 15.18 -11.24 -12.37
CA LEU A 220 16.52 -10.73 -12.61
C LEU A 220 17.31 -10.60 -11.32
N ALA A 221 18.64 -10.52 -11.44
CA ALA A 221 19.51 -10.41 -10.29
C ALA A 221 19.28 -9.12 -9.49
N ASN A 222 18.76 -8.09 -10.16
CA ASN A 222 18.48 -6.84 -9.46
C ASN A 222 17.11 -6.82 -8.77
N GLY A 223 16.40 -7.94 -8.83
CA GLY A 223 15.10 -8.05 -8.19
C GLY A 223 13.91 -7.91 -9.12
N ASP A 224 14.13 -7.46 -10.35
CA ASP A 224 13.02 -7.22 -11.28
C ASP A 224 12.37 -8.51 -11.74
N LEU A 225 11.06 -8.44 -11.99
CA LEU A 225 10.33 -9.52 -12.62
C LEU A 225 10.02 -9.15 -14.06
N LEU A 226 10.52 -9.92 -15.00
CA LEU A 226 10.24 -9.72 -16.41
C LEU A 226 9.15 -10.69 -16.87
N ILE A 227 8.06 -10.17 -17.42
CA ILE A 227 7.02 -11.00 -18.00
C ILE A 227 6.90 -10.69 -19.48
N SER A 228 7.08 -11.71 -20.31
CA SER A 228 7.07 -11.52 -21.75
C SER A 228 5.67 -11.70 -22.34
N GLU A 229 5.34 -10.85 -23.30
CA GLU A 229 4.10 -10.94 -24.08
C GLU A 229 2.87 -11.17 -23.20
N ILE A 230 2.53 -10.16 -22.40
CA ILE A 230 1.45 -10.33 -21.43
C ILE A 230 0.09 -10.56 -22.08
N LYS A 231 -0.75 -11.31 -21.39
CA LYS A 231 -2.09 -11.60 -21.87
C LYS A 231 -3.05 -11.52 -20.68
N TRP A 232 -4.35 -11.62 -20.97
CA TRP A 232 -5.38 -11.47 -19.95
C TRP A 232 -5.14 -12.38 -18.74
N GLU A 233 -4.72 -13.61 -19.02
CA GLU A 233 -4.45 -14.59 -17.96
C GLU A 233 -3.35 -14.16 -16.99
N ASP A 234 -2.54 -13.17 -17.38
CA ASP A 234 -1.47 -12.67 -16.51
C ASP A 234 -1.89 -11.53 -15.60
N GLY A 236 -3.57 -9.05 -12.81
CA GLY A 236 -3.85 -9.19 -11.39
C GLY A 236 -2.67 -8.73 -10.55
N ASN A 237 -2.54 -9.32 -9.38
CA ASN A 237 -1.55 -8.89 -8.40
C ASN A 237 -0.24 -9.67 -8.49
N TYR A 238 0.87 -8.94 -8.39
CA TYR A 238 2.19 -9.54 -8.29
C TYR A 238 2.83 -9.01 -7.01
N LYS A 239 3.39 -9.91 -6.20
CA LYS A 239 3.97 -9.51 -4.93
C LYS A 239 5.46 -9.81 -4.88
N CYS A 240 6.26 -8.79 -4.57
CA CYS A 240 7.68 -9.01 -4.30
C CYS A 240 7.89 -9.16 -2.81
N ILE A 241 8.62 -10.21 -2.43
CA ILE A 241 8.98 -10.47 -1.04
C ILE A 241 10.48 -10.40 -0.89
N ALA A 242 10.96 -9.53 -0.01
CA ALA A 242 12.39 -9.37 0.23
C ALA A 242 12.70 -9.78 1.66
N ARG A 243 13.55 -10.79 1.82
CA ARG A 243 13.82 -11.36 3.16
C ARG A 243 15.30 -11.40 3.47
N ASN A 244 15.66 -11.06 4.71
CA ASN A 244 16.98 -11.43 5.22
C ASN A 244 16.85 -11.90 6.66
N VAL A 245 17.99 -12.10 7.34
CA VAL A 245 17.98 -12.70 8.66
C VAL A 245 17.23 -11.87 9.71
N VAL A 246 17.07 -10.57 9.49
CA VAL A 246 16.45 -9.72 10.49
C VAL A 246 14.96 -9.46 10.19
N GLY A 247 14.56 -9.62 8.94
CA GLY A 247 13.16 -9.44 8.63
C GLY A 247 12.77 -9.48 7.17
N LYS A 248 11.62 -8.88 6.87
CA LYS A 248 11.00 -9.02 5.56
C LYS A 248 10.26 -7.75 5.18
N ASP A 249 10.23 -7.44 3.88
CA ASP A 249 9.32 -6.41 3.35
C ASP A 249 8.60 -7.01 2.16
N THR A 250 7.43 -6.48 1.83
CA THR A 250 6.69 -6.92 0.65
C THR A 250 6.12 -5.70 -0.09
N ALA A 251 5.86 -5.90 -1.37
CA ALA A 251 5.26 -4.85 -2.20
C ALA A 251 4.38 -5.51 -3.25
N ASP A 252 3.21 -4.91 -3.48
CA ASP A 252 2.25 -5.41 -4.46
C ASP A 252 2.21 -4.51 -5.69
N THR A 253 2.13 -5.14 -6.86
CA THR A 253 1.94 -4.44 -8.12
C THR A 253 0.66 -4.93 -8.79
N PHE A 254 -0.25 -4.01 -9.11
CA PHE A 254 -1.44 -4.35 -9.88
C PHE A 254 -1.15 -4.21 -11.37
N VAL A 255 -1.22 -5.33 -12.10
CA VAL A 255 -1.02 -5.32 -13.55
C VAL A 255 -2.36 -5.53 -14.23
N TYR A 256 -2.73 -4.64 -15.15
CA TYR A 256 -4.07 -4.68 -15.74
C TYR A 256 -4.05 -4.03 -17.12
N PRO A 257 -4.98 -4.42 -18.00
CA PRO A 257 -5.00 -3.77 -19.32
C PRO A 257 -5.38 -2.29 -19.23
N VAL A 258 -4.64 -1.44 -19.94
CA VAL A 258 -4.94 -0.02 -19.91
C VAL A 258 -6.17 0.29 -20.78
N LEU A 259 -6.39 -0.53 -21.81
CA LEU A 259 -7.51 -0.35 -22.74
C LEU A 259 -8.42 -1.58 -22.84
N ASN A 260 -9.58 -1.35 -23.48
CA ASN A 260 -10.57 -2.35 -23.87
C ASN A 260 -10.59 -3.65 -23.05
N ALA B 51 -18.38 -11.88 -15.04
CA ALA B 51 -16.97 -11.58 -15.23
C ALA B 51 -16.33 -11.05 -13.94
N ASP B 52 -17.02 -11.25 -12.82
CA ASP B 52 -16.45 -10.81 -11.54
C ASP B 52 -15.28 -11.69 -11.16
N TRP B 53 -14.33 -11.09 -10.45
CA TRP B 53 -13.18 -11.82 -9.98
C TRP B 53 -12.84 -11.34 -8.57
N LEU B 54 -12.17 -12.21 -7.82
CA LEU B 54 -11.82 -11.93 -6.43
C LEU B 54 -10.67 -12.83 -6.01
N LYS B 55 -9.58 -12.22 -5.59
CA LYS B 55 -8.37 -12.95 -5.25
C LYS B 55 -7.74 -12.45 -3.96
N PHE B 56 -7.22 -13.38 -3.17
CA PHE B 56 -6.39 -12.98 -2.03
C PHE B 56 -5.11 -12.35 -2.53
N THR B 57 -4.66 -11.30 -1.86
CA THR B 57 -3.32 -10.78 -2.09
C THR B 57 -2.47 -10.93 -0.84
N LYS B 58 -3.13 -10.98 0.33
CA LYS B 58 -2.44 -11.40 1.55
C LYS B 58 -3.35 -12.32 2.35
N THR B 59 -2.95 -13.57 2.46
CA THR B 59 -3.71 -14.55 3.22
C THR B 59 -3.24 -14.53 4.67
N PRO B 60 -4.19 -14.76 5.58
CA PRO B 60 -3.79 -14.83 6.99
C PRO B 60 -2.91 -16.06 7.24
N PRO B 61 -2.05 -15.99 8.27
CA PRO B 61 -1.21 -17.14 8.62
C PRO B 61 -2.07 -18.34 9.03
N THR B 62 -1.62 -19.57 8.80
CA THR B 62 -2.47 -20.71 9.14
C THR B 62 -2.45 -20.99 10.64
N LYS B 63 -1.38 -20.59 11.30
CA LYS B 63 -1.21 -20.87 12.73
C LYS B 63 -0.52 -19.70 13.43
N LEU B 64 -1.07 -19.29 14.57
CA LEU B 64 -0.47 -18.25 15.40
C LEU B 64 -0.42 -18.69 16.86
N GLN B 65 0.65 -18.29 17.55
CA GLN B 65 0.79 -18.56 18.97
C GLN B 65 0.67 -17.26 19.75
N GLN B 66 -0.29 -17.21 20.67
CA GLN B 66 -0.47 -16.01 21.48
C GLN B 66 0.46 -16.03 22.68
N ALA B 67 1.28 -15.01 22.82
CA ALA B 67 2.08 -14.83 24.03
C ALA B 67 1.18 -14.24 25.11
N ASP B 68 1.48 -14.52 26.36
CA ASP B 68 0.63 -14.04 27.45
C ASP B 68 0.53 -12.52 27.44
N GLY B 69 -0.68 -12.01 27.48
CA GLY B 69 -0.92 -10.59 27.47
C GLY B 69 -0.72 -9.88 26.14
N ALA B 70 -0.40 -10.64 25.09
CA ALA B 70 -0.17 -10.03 23.77
C ALA B 70 -1.47 -9.78 23.01
N THR B 71 -1.49 -8.69 22.25
CA THR B 71 -2.59 -8.41 21.33
C THR B 71 -2.23 -8.96 19.96
N ILE B 72 -3.13 -9.74 19.36
CA ILE B 72 -2.89 -10.29 18.04
C ILE B 72 -3.73 -9.56 17.00
N GLU B 73 -3.09 -9.23 15.88
CA GLU B 73 -3.79 -8.65 14.74
C GLU B 73 -3.67 -9.59 13.56
N ILE B 74 -4.79 -10.17 13.13
CA ILE B 74 -4.82 -11.04 11.96
C ILE B 74 -5.23 -10.22 10.75
N VAL B 75 -4.44 -10.27 9.68
CA VAL B 75 -4.69 -9.42 8.51
C VAL B 75 -5.03 -10.23 7.28
N CYS B 76 -6.02 -9.74 6.54
N CYS B 76 -6.07 -9.81 6.57
N CYS B 76 -6.04 -9.82 6.54
CA CYS B 76 -6.45 -10.30 5.28
CA CYS B 76 -6.41 -10.34 5.25
CA CYS B 76 -6.23 -10.39 5.22
C CYS B 76 -6.49 -9.19 4.22
C CYS B 76 -6.44 -9.19 4.25
C CYS B 76 -6.50 -9.28 4.22
N GLU B 77 -5.93 -9.43 3.03
CA GLU B 77 -6.04 -8.44 1.96
C GLU B 77 -6.48 -9.14 0.69
N GLY B 80 -10.52 -7.28 -6.05
CA GLY B 80 -11.53 -7.83 -6.93
C GLY B 80 -12.32 -6.78 -7.66
N SER B 81 -13.23 -7.24 -8.51
CA SER B 81 -14.14 -6.34 -9.22
C SER B 81 -15.20 -5.80 -8.26
N GLN B 82 -15.82 -4.67 -8.66
CA GLN B 82 -16.75 -3.94 -7.82
C GLN B 82 -16.09 -3.60 -6.46
N VAL B 83 -16.85 -3.65 -5.37
CA VAL B 83 -16.27 -3.39 -4.06
C VAL B 83 -16.43 -4.63 -3.17
N PRO B 84 -15.37 -5.44 -3.08
CA PRO B 84 -15.44 -6.64 -2.24
C PRO B 84 -15.58 -6.27 -0.78
N SER B 85 -16.24 -7.12 -0.03
CA SER B 85 -16.36 -6.93 1.41
C SER B 85 -15.68 -8.07 2.13
N ILE B 86 -15.14 -7.77 3.31
CA ILE B 86 -14.52 -8.78 4.14
C ILE B 86 -15.24 -8.89 5.47
N GLN B 87 -15.57 -10.12 5.85
CA GLN B 87 -16.21 -10.43 7.12
C GLN B 87 -15.35 -11.43 7.87
N TRP B 88 -15.13 -11.21 9.16
CA TRP B 88 -14.43 -12.19 9.98
C TRP B 88 -15.42 -13.08 10.72
N VAL B 89 -15.20 -14.38 10.64
CA VAL B 89 -16.01 -15.35 11.35
C VAL B 89 -15.17 -16.01 12.43
N VAL B 90 -15.62 -15.90 13.68
CA VAL B 90 -14.90 -16.48 14.80
C VAL B 90 -15.52 -17.81 15.21
N GLY B 91 -14.69 -18.86 15.26
CA GLY B 91 -15.13 -20.13 15.81
C GLY B 91 -16.13 -20.90 14.97
N HIS B 92 -16.13 -20.62 13.66
N HIS B 92 -16.10 -20.66 13.66
CA HIS B 92 -16.99 -21.35 12.73
CA HIS B 92 -16.91 -21.46 12.73
C HIS B 92 -16.24 -21.58 11.42
C HIS B 92 -16.16 -21.65 11.42
N LEU B 93 -15.61 -22.73 11.31
N LEU B 93 -15.49 -22.78 11.31
CA LEU B 93 -14.84 -23.07 10.13
CA LEU B 93 -14.77 -23.12 10.10
C LEU B 93 -15.77 -23.31 8.95
C LEU B 93 -15.75 -23.35 8.95
N PRO B 94 -15.42 -22.80 7.77
CA PRO B 94 -16.23 -22.99 6.56
C PRO B 94 -16.44 -24.46 6.25
N ARG B 95 -17.61 -24.79 5.73
CA ARG B 95 -17.97 -26.17 5.43
C ARG B 95 -18.48 -26.28 4.01
N SER B 96 -18.41 -27.49 3.44
CA SER B 96 -18.88 -27.74 2.09
C SER B 96 -19.72 -29.02 2.00
N GLU B 108 -22.64 -2.27 -1.57
CA GLU B 108 -23.38 -1.95 -2.78
C GLU B 108 -22.68 -2.49 -4.03
N GLU B 109 -23.44 -2.70 -5.09
CA GLU B 109 -22.84 -3.05 -6.37
C GLU B 109 -22.14 -1.81 -6.93
N ALA B 110 -21.07 -2.04 -7.67
CA ALA B 110 -20.31 -0.95 -8.24
C ALA B 110 -19.66 -1.42 -9.53
N PRO B 111 -20.46 -1.57 -10.60
CA PRO B 111 -19.87 -2.00 -11.87
C PRO B 111 -18.78 -1.05 -12.33
N SER B 112 -17.73 -1.62 -12.93
CA SER B 112 -16.53 -0.93 -13.43
C SER B 112 -15.53 -0.62 -12.32
N ALA B 113 -15.91 -0.80 -11.06
CA ALA B 113 -14.95 -0.57 -9.97
C ALA B 113 -14.02 -1.77 -9.82
N ILE B 114 -12.82 -1.50 -9.31
CA ILE B 114 -11.86 -2.52 -8.90
C ILE B 114 -11.25 -2.03 -7.60
N VAL B 115 -11.27 -2.87 -6.57
CA VAL B 115 -10.86 -2.43 -5.23
C VAL B 115 -9.94 -3.43 -4.56
N ARG B 116 -8.88 -2.91 -3.93
CA ARG B 116 -8.04 -3.65 -2.99
C ARG B 116 -8.53 -3.35 -1.60
N VAL B 117 -8.87 -4.36 -0.81
CA VAL B 117 -9.36 -4.08 0.54
C VAL B 117 -8.58 -4.91 1.57
N ARG B 118 -8.31 -4.25 2.69
CA ARG B 118 -7.55 -4.84 3.79
C ARG B 118 -8.41 -4.82 5.05
N SER B 119 -8.47 -5.96 5.75
CA SER B 119 -9.24 -6.02 6.98
C SER B 119 -8.45 -6.76 8.06
N SER B 120 -8.47 -6.21 9.27
CA SER B 120 -7.77 -6.79 10.43
C SER B 120 -8.75 -7.26 11.48
N HIS B 121 -8.46 -8.39 12.11
CA HIS B 121 -9.21 -8.83 13.27
C HIS B 121 -8.30 -8.71 14.49
N ILE B 122 -8.78 -8.02 15.51
CA ILE B 122 -7.98 -7.76 16.72
C ILE B 122 -8.40 -8.65 17.87
N ILE B 123 -7.45 -9.41 18.41
CA ILE B 123 -7.69 -10.18 19.62
C ILE B 123 -6.94 -9.52 20.78
N ASP B 124 -7.68 -8.79 21.61
CA ASP B 124 -7.05 -8.06 22.72
C ASP B 124 -7.54 -8.62 24.06
N HIS B 125 -7.47 -9.94 24.14
CA HIS B 125 -7.70 -10.67 25.38
C HIS B 125 -6.92 -11.97 25.29
N VAL B 126 -6.69 -12.63 26.42
CA VAL B 126 -6.06 -13.93 26.37
C VAL B 126 -7.11 -14.98 26.00
N LEU B 127 -6.77 -15.85 25.05
CA LEU B 127 -7.67 -16.94 24.68
C LEU B 127 -7.75 -17.99 25.78
N SER B 128 -8.95 -18.51 26.02
CA SER B 128 -9.13 -19.57 27.01
C SER B 128 -8.83 -20.93 26.40
N GLU B 129 -8.91 -21.00 25.08
CA GLU B 129 -8.62 -22.20 24.31
C GLU B 129 -8.29 -21.79 22.88
N ALA B 130 -7.78 -22.71 22.07
CA ALA B 130 -7.48 -22.38 20.69
C ALA B 130 -8.77 -22.04 19.96
N ARG B 131 -8.71 -21.00 19.12
CA ARG B 131 -9.87 -20.57 18.36
C ARG B 131 -9.53 -20.38 16.90
N THR B 132 -10.53 -20.53 16.03
N THR B 132 -10.52 -20.54 16.02
CA THR B 132 -10.35 -20.33 14.60
CA THR B 132 -10.29 -20.33 14.61
C THR B 132 -10.93 -19.00 14.16
C THR B 132 -10.91 -19.01 14.15
N TYR B 133 -10.26 -18.36 13.20
CA TYR B 133 -10.69 -17.09 12.67
C TYR B 133 -10.66 -17.19 11.16
N THR B 134 -11.78 -16.89 10.53
CA THR B 134 -11.88 -17.03 9.08
C THR B 134 -12.21 -15.70 8.43
N CYS B 135 -11.38 -15.34 7.46
N CYS B 135 -11.39 -15.28 7.47
CA CYS B 135 -11.60 -14.16 6.61
CA CYS B 135 -11.74 -14.08 6.73
C CYS B 135 -12.46 -14.58 5.42
C CYS B 135 -12.43 -14.49 5.44
N VAL B 136 -13.64 -13.99 5.27
CA VAL B 136 -14.52 -14.34 4.15
C VAL B 136 -14.69 -13.13 3.26
N GLY B 137 -14.33 -13.27 1.99
CA GLY B 137 -14.47 -12.18 1.03
C GLY B 137 -15.59 -12.45 0.06
N ARG B 138 -16.35 -11.40 -0.27
CA ARG B 138 -17.44 -11.52 -1.24
C ARG B 138 -17.48 -10.35 -2.20
N THR B 139 -17.76 -10.63 -3.47
CA THR B 139 -18.08 -9.60 -4.44
C THR B 139 -18.86 -10.27 -5.55
N GLY B 140 -19.94 -9.63 -5.99
CA GLY B 140 -20.85 -10.25 -6.94
C GLY B 140 -21.28 -11.62 -6.46
N SER B 141 -21.05 -12.63 -7.28
CA SER B 141 -21.39 -14.01 -6.93
C SER B 141 -20.18 -14.80 -6.46
N LYS B 142 -19.07 -14.12 -6.21
CA LYS B 142 -17.84 -14.78 -5.82
C LYS B 142 -17.63 -14.76 -4.30
N THR B 143 -17.17 -15.88 -3.75
CA THR B 143 -16.81 -15.96 -2.33
C THR B 143 -15.46 -16.65 -2.15
N ILE B 144 -14.57 -16.04 -1.39
CA ILE B 144 -13.31 -16.69 -1.06
C ILE B 144 -13.14 -16.66 0.46
N TYR B 145 -12.32 -17.56 0.99
CA TYR B 145 -12.07 -17.57 2.42
C TYR B 145 -10.75 -18.23 2.79
N ALA B 146 -10.25 -17.89 3.97
CA ALA B 146 -9.01 -18.44 4.50
C ALA B 146 -9.07 -18.35 6.01
N SER B 147 -8.43 -19.32 6.69
CA SER B 147 -8.57 -19.44 8.14
C SER B 147 -7.23 -19.48 8.85
N THR B 148 -7.28 -19.06 10.11
CA THR B 148 -6.15 -19.05 11.03
C THR B 148 -6.55 -19.74 12.32
N VAL B 149 -5.68 -20.59 12.87
CA VAL B 149 -5.88 -21.07 14.23
C VAL B 149 -4.93 -20.35 15.17
N VAL B 150 -5.48 -19.69 16.19
CA VAL B 150 -4.68 -19.04 17.21
C VAL B 150 -4.68 -19.85 18.50
N HIS B 151 -3.49 -20.15 19.00
CA HIS B 151 -3.34 -20.94 20.23
C HIS B 151 -3.06 -20.05 21.43
N PRO B 152 -3.66 -20.40 22.59
CA PRO B 152 -3.47 -19.65 23.83
C PRO B 152 -2.07 -19.86 24.40
N PRO B 153 -1.63 -18.95 25.28
CA PRO B 153 -0.33 -19.12 25.95
C PRO B 153 -0.30 -20.42 26.75
N ARG B 154 0.87 -21.03 26.86
CA ARG B 154 1.03 -22.25 27.66
C ARG B 154 0.58 -22.03 29.09
N SER B 155 0.98 -20.90 29.66
CA SER B 155 0.52 -20.50 30.99
C SER B 155 0.16 -19.03 31.00
N SER B 156 -0.90 -18.68 31.72
CA SER B 156 -1.36 -17.30 31.76
C SER B 156 -1.68 -16.84 33.18
N ARG B 157 -1.12 -15.70 33.56
CA ARG B 157 -1.41 -15.08 34.85
C ARG B 157 -2.63 -14.17 34.75
N LEU B 158 -3.21 -14.08 33.55
CA LEU B 158 -4.35 -13.19 33.29
C LEU B 158 -5.67 -13.96 33.24
N THR B 159 -6.76 -13.23 33.40
CA THR B 159 -8.09 -13.81 33.25
C THR B 159 -8.41 -14.00 31.77
N PRO B 160 -8.67 -15.25 31.36
CA PRO B 160 -8.96 -15.54 29.95
C PRO B 160 -10.20 -14.80 29.44
N GLU B 161 -10.16 -14.40 28.17
CA GLU B 161 -11.29 -13.81 27.46
C GLU B 161 -11.70 -12.43 27.99
N LYS B 162 -10.90 -11.87 28.87
CA LYS B 162 -11.17 -10.53 29.40
C LYS B 162 -10.33 -9.49 28.66
N THR B 163 -10.99 -8.48 28.10
CA THR B 163 -10.33 -7.44 27.35
C THR B 163 -9.24 -6.76 28.19
N TYR B 164 -8.06 -6.60 27.59
CA TYR B 164 -6.95 -5.94 28.27
C TYR B 164 -7.37 -4.55 28.71
N PRO B 165 -7.02 -4.18 29.95
CA PRO B 165 -7.45 -2.90 30.50
C PRO B 165 -6.71 -1.70 29.91
N GLY B 166 -7.34 -0.54 29.94
CA GLY B 166 -6.67 0.71 29.66
C GLY B 166 -6.71 1.17 28.21
N ALA B 167 -5.96 2.23 27.93
CA ALA B 167 -5.96 2.80 26.61
C ALA B 167 -5.24 1.91 25.59
N GLN B 168 -5.62 2.03 24.33
CA GLN B 168 -5.00 1.30 23.23
C GLN B 168 -4.78 2.23 22.04
N LYS B 169 -3.57 2.22 21.49
CA LYS B 169 -3.25 3.01 20.30
C LYS B 169 -4.17 2.64 19.13
N PRO B 170 -4.56 3.62 18.31
CA PRO B 170 -5.44 3.27 17.19
C PRO B 170 -4.80 2.29 16.20
N ARG B 171 -5.64 1.40 15.68
CA ARG B 171 -5.28 0.54 14.56
C ARG B 171 -6.36 0.71 13.52
N ILE B 172 -5.95 1.04 12.30
CA ILE B 172 -6.91 1.07 11.21
C ILE B 172 -7.13 -0.37 10.76
N ILE B 173 -8.36 -0.86 10.92
CA ILE B 173 -8.64 -2.28 10.73
C ILE B 173 -9.50 -2.57 9.52
N TYR B 174 -9.91 -1.54 8.79
CA TYR B 174 -10.61 -1.74 7.52
C TYR B 174 -10.33 -0.55 6.64
N THR B 175 -9.74 -0.82 5.49
CA THR B 175 -9.28 0.25 4.62
C THR B 175 -9.15 -0.27 3.20
N GLU B 176 -9.34 0.61 2.22
CA GLU B 176 -9.08 0.24 0.85
C GLU B 176 -7.73 0.79 0.43
N LYS B 177 -6.84 -0.07 -0.05
CA LYS B 177 -5.56 0.42 -0.53
C LYS B 177 -5.71 1.08 -1.91
N THR B 178 -6.61 0.55 -2.73
CA THR B 178 -6.85 1.11 -4.05
C THR B 178 -8.34 1.11 -4.33
N HIS B 179 -8.84 2.22 -4.85
CA HIS B 179 -10.23 2.31 -5.28
C HIS B 179 -10.28 2.87 -6.70
N LEU B 180 -10.44 1.97 -7.65
CA LEU B 180 -10.60 2.35 -9.04
C LEU B 180 -12.11 2.38 -9.31
N ASP B 181 -12.61 3.47 -9.87
CA ASP B 181 -14.07 3.61 -10.02
C ASP B 181 -14.42 4.62 -11.11
N LEU B 182 -15.70 4.65 -11.43
CA LEU B 182 -16.25 5.41 -12.55
C LEU B 182 -16.28 6.92 -12.33
N GLY B 184 -17.72 10.40 -12.29
CA GLY B 184 -19.09 10.82 -12.06
C GLY B 184 -19.80 10.09 -10.94
N SER B 185 -19.21 9.02 -10.44
CA SER B 185 -19.86 8.25 -9.37
C SER B 185 -19.43 8.77 -8.01
N ASN B 186 -20.21 8.44 -6.99
CA ASN B 186 -19.86 8.76 -5.62
C ASN B 186 -19.11 7.58 -5.03
N ILE B 187 -18.01 7.86 -4.35
CA ILE B 187 -17.25 6.78 -3.72
C ILE B 187 -17.16 7.02 -2.23
N GLN B 188 -17.04 5.93 -1.49
CA GLN B 188 -16.98 5.96 -0.04
C GLN B 188 -15.81 5.12 0.42
N LEU B 189 -14.80 5.79 0.95
CA LEU B 189 -13.55 5.14 1.32
C LEU B 189 -13.53 4.86 2.82
N PRO B 190 -13.42 3.57 3.22
CA PRO B 190 -13.48 3.28 4.65
C PRO B 190 -12.24 3.66 5.44
N CYS B 191 -12.45 3.95 6.72
CA CYS B 191 -11.36 4.04 7.67
C CYS B 191 -11.91 3.60 9.02
N ARG B 192 -12.06 2.29 9.18
CA ARG B 192 -12.59 1.73 10.43
C ARG B 192 -11.45 1.52 11.40
N VAL B 193 -11.67 1.92 12.65
CA VAL B 193 -10.59 1.99 13.62
C VAL B 193 -10.90 1.24 14.90
N HIS B 194 -9.90 0.52 15.40
CA HIS B 194 -9.89 -0.05 16.75
C HIS B 194 -9.04 0.85 17.63
N ALA B 195 -9.66 1.47 18.64
CA ALA B 195 -8.93 2.39 19.52
C ALA B 195 -9.66 2.60 20.84
N ARG B 196 -8.89 2.76 21.93
CA ARG B 196 -9.47 3.13 23.22
C ARG B 196 -8.63 4.25 23.84
N PRO B 197 -9.24 5.43 24.07
CA PRO B 197 -10.58 5.88 23.71
C PRO B 197 -10.76 5.98 22.19
N ARG B 198 -11.99 6.20 21.76
CA ARG B 198 -12.32 6.41 20.36
C ARG B 198 -11.36 7.40 19.71
N ALA B 199 -10.89 7.07 18.51
CA ALA B 199 -9.92 7.91 17.81
C ALA B 199 -10.58 9.12 17.15
N GLU B 200 -9.80 10.20 17.05
CA GLU B 200 -10.16 11.33 16.19
C GLU B 200 -9.68 10.99 14.79
N ILE B 201 -10.55 11.17 13.80
CA ILE B 201 -10.20 10.80 12.43
C ILE B 201 -10.08 12.04 11.56
N THR B 202 -8.98 12.12 10.84
CA THR B 202 -8.70 13.21 9.91
C THR B 202 -8.34 12.62 8.55
N TRP B 203 -8.91 13.17 7.48
CA TRP B 203 -8.48 12.79 6.14
C TRP B 203 -7.68 13.90 5.49
N LEU B 204 -6.65 13.54 4.74
CA LEU B 204 -5.93 14.47 3.88
C LEU B 204 -6.23 14.13 2.41
N ASN B 205 -6.35 15.15 1.58
CA ASN B 205 -6.67 14.92 0.18
C ASN B 205 -5.42 14.59 -0.63
N ASN B 206 -5.58 14.55 -1.95
CA ASN B 206 -4.48 14.15 -2.82
C ASN B 206 -3.40 15.21 -2.95
N GLU B 207 -3.55 16.32 -2.22
CA GLU B 207 -2.49 17.33 -2.13
C GLU B 207 -2.01 17.50 -0.69
N ASN B 208 -2.26 16.48 0.14
CA ASN B 208 -1.85 16.46 1.54
C ASN B 208 -2.48 17.58 2.38
N LYS B 209 -3.61 18.11 1.92
CA LYS B 209 -4.33 19.13 2.68
C LYS B 209 -5.47 18.51 3.45
N GLU B 210 -5.72 19.01 4.67
CA GLU B 210 -6.80 18.48 5.48
C GLU B 210 -8.15 18.70 4.81
N ILE B 211 -8.93 17.63 4.73
CA ILE B 211 -10.26 17.71 4.16
C ILE B 211 -11.25 18.19 5.20
N VAL B 212 -11.93 19.29 4.86
CA VAL B 212 -13.01 19.81 5.69
C VAL B 212 -14.34 19.44 5.05
N GLN B 213 -15.38 19.37 5.88
CA GLN B 213 -16.72 19.07 5.39
C GLN B 213 -17.13 20.13 4.38
N GLY B 214 -17.43 19.70 3.15
CA GLY B 214 -17.76 20.62 2.09
C GLY B 214 -18.70 20.06 1.03
N HIS B 215 -18.74 20.73 -0.11
CA HIS B 215 -19.67 20.42 -1.20
C HIS B 215 -19.57 18.99 -1.74
N ARG B 216 -18.36 18.56 -2.10
CA ARG B 216 -18.18 17.21 -2.65
C ARG B 216 -17.44 16.27 -1.71
N HIS B 217 -17.05 16.75 -0.52
CA HIS B 217 -16.32 15.92 0.42
C HIS B 217 -16.97 15.89 1.78
N ARG B 218 -17.25 14.69 2.28
CA ARG B 218 -17.84 14.57 3.60
C ARG B 218 -17.18 13.44 4.37
N VAL B 219 -16.89 13.69 5.63
CA VAL B 219 -16.32 12.65 6.49
C VAL B 219 -17.39 12.16 7.43
N LEU B 220 -17.67 10.86 7.39
CA LEU B 220 -18.75 10.30 8.19
C LEU B 220 -18.29 9.98 9.61
N ALA B 221 -19.25 9.87 10.52
CA ALA B 221 -18.95 9.56 11.92
C ALA B 221 -18.26 8.21 12.10
N ASN B 222 -18.42 7.30 11.13
CA ASN B 222 -17.77 6.00 11.21
C ASN B 222 -16.37 6.00 10.63
N GLY B 223 -15.93 7.17 10.17
CA GLY B 223 -14.59 7.32 9.63
C GLY B 223 -14.50 7.37 8.11
N ASP B 224 -15.57 7.02 7.41
CA ASP B 224 -15.52 6.97 5.94
C ASP B 224 -15.37 8.35 5.31
N LEU B 225 -14.64 8.41 4.21
CA LEU B 225 -14.59 9.61 3.38
C LEU B 225 -15.48 9.43 2.16
N LEU B 226 -16.43 10.35 2.02
CA LEU B 226 -17.35 10.33 0.90
C LEU B 226 -16.93 11.40 -0.10
N ILE B 227 -16.63 11.00 -1.33
CA ILE B 227 -16.33 11.97 -2.38
C ILE B 227 -17.41 11.85 -3.46
N SER B 228 -18.13 12.95 -3.70
CA SER B 228 -19.22 12.97 -4.66
C SER B 228 -18.75 13.24 -6.08
N GLU B 229 -19.34 12.55 -7.05
CA GLU B 229 -19.16 12.82 -8.47
C GLU B 229 -17.70 13.01 -8.83
N ILE B 230 -16.93 11.93 -8.73
CA ILE B 230 -15.49 12.03 -8.88
C ILE B 230 -15.08 12.43 -10.29
N LYS B 231 -13.98 13.15 -10.38
CA LYS B 231 -13.45 13.59 -11.66
C LYS B 231 -11.96 13.27 -11.71
N TRP B 232 -11.34 13.50 -12.87
CA TRP B 232 -9.94 13.11 -13.04
C TRP B 232 -9.04 13.80 -12.01
N GLU B 233 -9.37 15.04 -11.68
CA GLU B 233 -8.57 15.82 -10.74
C GLU B 233 -8.59 15.23 -9.33
N ASP B 234 -9.50 14.31 -9.07
CA ASP B 234 -9.57 13.63 -7.77
C ASP B 234 -8.58 12.46 -7.68
N GLY B 236 -5.48 10.20 -7.09
CA GLY B 236 -4.36 10.30 -6.18
C GLY B 236 -4.61 9.63 -4.85
N ASN B 237 -3.72 9.92 -3.89
CA ASN B 237 -3.77 9.28 -2.58
C ASN B 237 -4.50 10.09 -1.53
N TYR B 238 -5.35 9.41 -0.76
CA TYR B 238 -6.08 10.00 0.34
C TYR B 238 -5.65 9.34 1.62
N LYS B 239 -5.21 10.13 2.59
CA LYS B 239 -4.66 9.58 3.82
C LYS B 239 -5.64 9.71 4.98
N CYS B 240 -5.91 8.59 5.66
CA CYS B 240 -6.69 8.61 6.88
C CYS B 240 -5.73 8.62 8.05
N ILE B 241 -5.93 9.55 8.98
CA ILE B 241 -5.15 9.60 10.22
C ILE B 241 -6.08 9.38 11.39
N ALA B 242 -5.78 8.36 12.19
CA ALA B 242 -6.57 8.04 13.37
C ALA B 242 -5.72 8.26 14.61
N ARG B 243 -6.14 9.17 15.48
CA ARG B 243 -5.32 9.58 16.60
C ARG B 243 -6.07 9.52 17.93
N ASN B 244 -5.40 9.05 18.98
CA ASN B 244 -5.90 9.28 20.34
C ASN B 244 -4.72 9.57 21.27
N VAL B 245 -4.96 9.54 22.58
CA VAL B 245 -3.94 9.98 23.54
C VAL B 245 -2.69 9.10 23.49
N VAL B 246 -2.86 7.85 23.04
CA VAL B 246 -1.73 6.93 22.98
C VAL B 246 -0.84 7.14 21.76
N GLY B 247 -1.45 7.49 20.63
CA GLY B 247 -0.69 7.65 19.41
C GLY B 247 -1.59 7.65 18.19
N LYS B 248 -1.02 7.29 17.04
CA LYS B 248 -1.80 7.33 15.81
C LYS B 248 -1.49 6.18 14.87
N ASP B 249 -2.43 5.96 13.95
CA ASP B 249 -2.19 5.07 12.82
C ASP B 249 -2.60 5.82 11.57
N THR B 250 -2.04 5.43 10.43
CA THR B 250 -2.41 6.06 9.17
C THR B 250 -2.55 5.01 8.08
N ALA B 251 -3.32 5.36 7.04
CA ALA B 251 -3.52 4.52 5.88
C ALA B 251 -3.69 5.39 4.64
N ASP B 252 -3.21 4.90 3.51
CA ASP B 252 -3.42 5.61 2.24
C ASP B 252 -4.35 4.84 1.32
N THR B 253 -5.25 5.56 0.66
CA THR B 253 -6.12 4.98 -0.33
C THR B 253 -5.89 5.64 -1.67
N PHE B 254 -5.48 4.85 -2.67
CA PHE B 254 -5.25 5.40 -4.00
C PHE B 254 -6.55 5.37 -4.81
N VAL B 255 -6.98 6.54 -5.29
CA VAL B 255 -8.20 6.65 -6.09
C VAL B 255 -7.85 6.88 -7.56
N TYR B 256 -8.42 6.04 -8.44
CA TYR B 256 -8.15 6.13 -9.87
C TYR B 256 -9.47 6.19 -10.64
N PRO B 257 -9.84 7.38 -11.12
CA PRO B 257 -11.09 7.55 -11.87
C PRO B 257 -10.95 7.05 -13.30
N VAL B 258 -11.92 6.26 -13.73
CA VAL B 258 -11.94 5.68 -15.07
C VAL B 258 -13.28 5.94 -15.78
N LEU B 259 -13.32 5.57 -17.05
CA LEU B 259 -14.56 5.57 -17.82
C LEU B 259 -15.16 4.16 -17.85
N ASN B 260 -16.41 4.03 -18.28
CA ASN B 260 -17.04 2.72 -18.30
C ASN B 260 -16.70 1.96 -19.58
N GLU B 261 -17.40 0.85 -19.81
CA GLU B 261 -17.11 -0.06 -20.92
C GLU B 261 -17.26 0.59 -22.30
N GLU B 262 -17.96 1.72 -22.36
CA GLU B 262 -18.09 2.46 -23.62
C GLU B 262 -17.42 3.82 -23.54
N ASP B 263 -16.43 3.92 -22.66
CA ASP B 263 -15.65 5.16 -22.47
C ASP B 263 -16.54 6.35 -22.11
N GLU B 264 -17.49 6.14 -21.21
CA GLU B 264 -18.39 7.19 -20.77
C GLU B 264 -18.27 7.45 -19.27
N VAL B 265 -18.61 8.66 -18.86
CA VAL B 265 -18.75 8.97 -17.44
C VAL B 265 -20.16 8.59 -17.01
N LEU B 266 -20.38 8.48 -15.70
CA LEU B 266 -21.70 8.07 -15.20
C LEU B 266 -22.79 9.01 -15.69
N PHE B 267 -23.85 8.43 -16.24
CA PHE B 267 -25.01 9.15 -16.81
C PHE B 267 -24.69 9.80 -18.15
#